data_4MT7
#
_entry.id   4MT7
#
_cell.length_a   82.930
_cell.length_b   165.430
_cell.length_c   129.120
_cell.angle_alpha   90.00
_cell.angle_beta   90.00
_cell.angle_gamma   90.00
#
_symmetry.space_group_name_H-M   'C 2 2 21'
#
_entity_poly.entity_id   1
_entity_poly.type   'polypeptide(L)'
_entity_poly.pdbx_seq_one_letter_code
;MLITGDSIVSAEAVWDHVTMANRGVAFKAGDVIKVLDASNKDWWWGQIDDEEGWFPASFVRLWVNQEDGVEEGPSDVQNG
HLDPNSDCLCLGRPLQNRDQMRANVINEIMSTERHYIKHLKDICEGYLKQCRKRRDMFSDEQLKVIFGNIEDIYRFQMGF
VRDLEKQYNNDDPHLSEIGPCFLEHQDGFWIYSEYCNNHLDACMELSKLMKDSRYQHFFEACRLLQQMIDIAIDGFLLTP
VQKICKYPLQLAELLKYTAQDHSDYRYVAAALAVMRNVTQQINERKRRLENIDKIAQWQASVLDWEGDDILDRSSELIYT
GEMAWIYQPYGRNQQRVFFLFDHQMVLCKKDLIRRDILYYKGRIDMDKYEVIDIEDGRDDDFNVSMKNAFKLHNKETEEV
HLFFAKKLEEKIRWLRAFREERKMVQEDEKIGFEISENQKRQAAMTVRKASKQKGRVGEEENQSLELKRACEVLQRLWSP
GKKSC
;
_entity_poly.pdbx_strand_id   A
#
# COMPACT_ATOMS: atom_id res chain seq x y z
N GLN A 96 -41.51 1.40 10.59
CA GLN A 96 -41.19 1.34 9.16
C GLN A 96 -40.48 2.61 8.62
N ASN A 97 -40.35 2.70 7.30
CA ASN A 97 -39.45 3.65 6.63
C ASN A 97 -38.17 3.86 7.42
N ARG A 98 -37.58 2.72 7.74
CA ARG A 98 -36.49 2.56 8.70
C ARG A 98 -36.43 1.05 8.85
N ASP A 99 -37.60 0.46 9.08
CA ASP A 99 -37.77 -0.98 9.11
C ASP A 99 -38.00 -1.41 7.68
N GLN A 100 -38.23 -0.43 6.83
CA GLN A 100 -38.29 -0.67 5.40
C GLN A 100 -36.94 -0.36 4.74
N MET A 101 -36.25 0.65 5.26
CA MET A 101 -34.96 1.08 4.69
C MET A 101 -33.96 -0.06 4.68
N ARG A 102 -33.95 -0.79 5.79
CA ARG A 102 -33.14 -1.99 5.89
C ARG A 102 -33.45 -2.97 4.76
N ALA A 103 -34.71 -3.15 4.41
CA ALA A 103 -35.05 -4.04 3.31
C ALA A 103 -34.47 -3.52 1.98
N ASN A 104 -34.44 -2.20 1.84
CA ASN A 104 -33.82 -1.57 0.68
C ASN A 104 -32.31 -1.86 0.62
N VAL A 105 -31.66 -1.72 1.77
CA VAL A 105 -30.22 -1.95 1.86
C VAL A 105 -29.89 -3.41 1.57
N ILE A 106 -30.58 -4.33 2.24
CA ILE A 106 -30.45 -5.76 1.98
C ILE A 106 -30.61 -6.08 0.50
N ASN A 107 -31.68 -5.58 -0.11
CA ASN A 107 -31.92 -5.86 -1.52
C ASN A 107 -30.89 -5.26 -2.46
N GLU A 108 -30.39 -4.08 -2.12
CA GLU A 108 -29.35 -3.45 -2.90
C GLU A 108 -28.07 -4.25 -2.81
N ILE A 109 -27.74 -4.70 -1.60
CA ILE A 109 -26.55 -5.50 -1.39
C ILE A 109 -26.61 -6.77 -2.22
N MET A 110 -27.73 -7.47 -2.12
CA MET A 110 -27.96 -8.66 -2.94
C MET A 110 -27.81 -8.37 -4.42
N SER A 111 -28.37 -7.24 -4.85
CA SER A 111 -28.25 -6.83 -6.24
C SER A 111 -26.79 -6.71 -6.66
N THR A 112 -26.05 -5.82 -6.00
CA THR A 112 -24.65 -5.58 -6.35
C THR A 112 -23.82 -6.84 -6.27
N GLU A 113 -24.19 -7.76 -5.39
CA GLU A 113 -23.47 -9.02 -5.29
C GLU A 113 -23.74 -9.92 -6.48
N ARG A 114 -24.99 -9.95 -6.94
CA ARG A 114 -25.32 -10.75 -8.10
C ARG A 114 -24.69 -10.18 -9.37
N HIS A 115 -24.76 -8.87 -9.52
CA HIS A 115 -24.10 -8.21 -10.65
C HIS A 115 -22.60 -8.40 -10.61
N TYR A 116 -22.02 -8.31 -9.42
CA TYR A 116 -20.56 -8.45 -9.27
C TYR A 116 -20.10 -9.85 -9.60
N ILE A 117 -20.87 -10.85 -9.15
CA ILE A 117 -20.51 -12.22 -9.46
C ILE A 117 -20.73 -12.51 -10.96
N LYS A 118 -21.67 -11.78 -11.56
CA LYS A 118 -21.87 -11.83 -13.00
C LYS A 118 -20.69 -11.21 -13.76
N HIS A 119 -20.12 -10.14 -13.20
CA HIS A 119 -18.96 -9.51 -13.82
C HIS A 119 -17.75 -10.41 -13.69
N LEU A 120 -17.66 -11.11 -12.57
CA LEU A 120 -16.59 -12.07 -12.37
C LEU A 120 -16.72 -13.20 -13.38
N LYS A 121 -17.96 -13.62 -13.61
CA LYS A 121 -18.23 -14.67 -14.59
C LYS A 121 -17.85 -14.20 -15.98
N ASP A 122 -18.28 -13.00 -16.35
CA ASP A 122 -17.98 -12.45 -17.67
C ASP A 122 -16.48 -12.22 -17.85
N ILE A 123 -15.76 -12.04 -16.75
CA ILE A 123 -14.31 -11.90 -16.82
C ILE A 123 -13.60 -13.23 -17.01
N CYS A 124 -13.89 -14.20 -16.14
CA CYS A 124 -13.22 -15.50 -16.19
C CYS A 124 -13.64 -16.35 -17.40
N GLU A 125 -14.84 -16.10 -17.90
CA GLU A 125 -15.36 -16.82 -19.06
C GLU A 125 -15.14 -16.04 -20.35
N GLY A 126 -15.38 -14.74 -20.30
CA GLY A 126 -15.29 -13.90 -21.48
C GLY A 126 -13.88 -13.56 -21.93
N TYR A 127 -13.00 -13.23 -20.99
CA TYR A 127 -11.64 -12.82 -21.32
C TYR A 127 -10.58 -13.90 -21.07
N LEU A 128 -10.54 -14.45 -19.86
CA LEU A 128 -9.51 -15.40 -19.46
C LEU A 128 -9.44 -16.63 -20.37
N LYS A 129 -10.58 -17.28 -20.56
CA LYS A 129 -10.67 -18.51 -21.34
C LYS A 129 -10.12 -18.32 -22.74
N GLN A 130 -10.55 -17.25 -23.39
CA GLN A 130 -10.13 -16.95 -24.77
C GLN A 130 -8.64 -16.66 -24.87
N CYS A 131 -8.08 -16.04 -23.85
CA CYS A 131 -6.65 -15.72 -23.84
C CYS A 131 -5.81 -16.96 -23.58
N ARG A 132 -6.36 -17.88 -22.78
CA ARG A 132 -5.74 -19.18 -22.61
C ARG A 132 -5.74 -19.95 -23.93
N LYS A 133 -6.84 -19.84 -24.66
CA LYS A 133 -6.97 -20.50 -25.96
C LYS A 133 -5.91 -20.04 -26.98
N ARG A 134 -5.47 -18.79 -26.85
CA ARG A 134 -4.52 -18.23 -27.81
C ARG A 134 -3.11 -18.06 -27.22
N ARG A 135 -2.35 -19.15 -27.21
CA ARG A 135 -0.96 -19.15 -26.74
C ARG A 135 -0.09 -18.22 -27.56
N ASP A 136 -0.46 -18.06 -28.83
CA ASP A 136 0.33 -17.28 -29.78
C ASP A 136 0.26 -15.79 -29.52
N MET A 137 -0.60 -15.38 -28.59
CA MET A 137 -0.75 -13.97 -28.28
C MET A 137 -0.45 -13.65 -26.82
N PHE A 138 -0.71 -14.61 -25.95
CA PHE A 138 -0.54 -14.40 -24.52
C PHE A 138 0.30 -15.47 -23.84
N SER A 139 1.47 -15.07 -23.34
CA SER A 139 2.36 -15.99 -22.66
C SER A 139 1.73 -16.46 -21.36
N ASP A 140 2.47 -17.24 -20.58
CA ASP A 140 2.04 -17.61 -19.25
C ASP A 140 2.29 -16.44 -18.30
N GLU A 141 3.43 -15.79 -18.49
CA GLU A 141 3.81 -14.65 -17.68
C GLU A 141 2.85 -13.47 -17.87
N GLN A 142 2.48 -13.21 -19.12
CA GLN A 142 1.53 -12.15 -19.45
C GLN A 142 0.18 -12.36 -18.75
N LEU A 143 -0.36 -13.56 -18.89
CA LEU A 143 -1.62 -13.93 -18.24
C LEU A 143 -1.52 -13.71 -16.73
N LYS A 144 -0.48 -14.29 -16.13
CA LYS A 144 -0.23 -14.14 -14.71
C LYS A 144 -0.23 -12.68 -14.25
N VAL A 145 0.42 -11.81 -15.02
CA VAL A 145 0.47 -10.40 -14.65
C VAL A 145 -0.88 -9.70 -14.78
N ILE A 146 -1.53 -9.88 -15.91
CA ILE A 146 -2.78 -9.18 -16.17
C ILE A 146 -3.94 -9.61 -15.26
N PHE A 147 -4.21 -10.91 -15.20
CA PHE A 147 -5.43 -11.37 -14.51
C PHE A 147 -5.29 -11.65 -13.01
N GLY A 148 -4.08 -11.97 -12.57
CA GLY A 148 -3.85 -12.28 -11.16
C GLY A 148 -4.66 -13.47 -10.68
N ASN A 149 -5.09 -13.42 -9.41
CA ASN A 149 -5.86 -14.51 -8.81
C ASN A 149 -7.37 -14.35 -8.97
N ILE A 150 -7.79 -13.75 -10.09
CA ILE A 150 -9.20 -13.45 -10.33
C ILE A 150 -10.07 -14.72 -10.37
N GLU A 151 -9.48 -15.83 -10.80
CA GLU A 151 -10.22 -17.09 -10.88
C GLU A 151 -10.49 -17.57 -9.46
N ASP A 152 -9.48 -17.46 -8.62
CA ASP A 152 -9.62 -17.75 -7.19
C ASP A 152 -10.69 -16.86 -6.55
N ILE A 153 -10.62 -15.56 -6.85
CA ILE A 153 -11.60 -14.59 -6.40
C ILE A 153 -13.03 -15.03 -6.73
N TYR A 154 -13.25 -15.37 -8.00
CA TYR A 154 -14.55 -15.87 -8.45
C TYR A 154 -14.95 -17.10 -7.64
N ARG A 155 -14.02 -18.04 -7.48
CA ARG A 155 -14.29 -19.26 -6.73
C ARG A 155 -14.75 -18.98 -5.30
N PHE A 156 -14.20 -17.93 -4.69
CA PHE A 156 -14.58 -17.55 -3.33
C PHE A 156 -15.94 -16.86 -3.28
N GLN A 157 -16.12 -15.92 -4.21
CA GLN A 157 -17.34 -15.13 -4.32
C GLN A 157 -18.56 -16.01 -4.56
N MET A 158 -18.37 -17.09 -5.30
CA MET A 158 -19.45 -18.03 -5.56
C MET A 158 -20.03 -18.57 -4.26
N GLY A 159 -19.13 -19.06 -3.40
CA GLY A 159 -19.51 -19.60 -2.11
C GLY A 159 -20.11 -18.56 -1.20
N PHE A 160 -19.50 -17.37 -1.18
CA PHE A 160 -20.03 -16.26 -0.38
C PHE A 160 -21.46 -15.94 -0.75
N VAL A 161 -21.66 -15.53 -2.00
CA VAL A 161 -22.98 -15.21 -2.52
C VAL A 161 -23.94 -16.37 -2.28
N ARG A 162 -23.45 -17.60 -2.39
CA ARG A 162 -24.27 -18.78 -2.11
C ARG A 162 -24.83 -18.75 -0.69
N ASP A 163 -23.94 -18.59 0.29
CA ASP A 163 -24.40 -18.52 1.68
C ASP A 163 -25.32 -17.33 1.93
N LEU A 164 -25.03 -16.22 1.26
CA LEU A 164 -25.90 -15.04 1.33
C LEU A 164 -27.33 -15.34 0.89
N GLU A 165 -27.46 -15.95 -0.29
CA GLU A 165 -28.77 -16.35 -0.80
C GLU A 165 -29.44 -17.34 0.15
N LYS A 166 -28.63 -18.15 0.82
CA LYS A 166 -29.19 -19.04 1.85
C LYS A 166 -29.80 -18.23 3.00
N GLN A 167 -29.15 -17.13 3.36
CA GLN A 167 -29.61 -16.30 4.48
C GLN A 167 -30.73 -15.32 4.12
N TYR A 168 -31.12 -15.29 2.85
CA TYR A 168 -32.12 -14.32 2.42
C TYR A 168 -33.53 -14.74 2.80
N ASN A 169 -34.27 -13.80 3.38
CA ASN A 169 -35.64 -14.05 3.82
C ASN A 169 -36.65 -13.49 2.81
N ASN A 170 -37.31 -14.39 2.10
CA ASN A 170 -38.27 -14.00 1.07
C ASN A 170 -39.58 -13.48 1.64
N ASP A 171 -40.04 -14.13 2.71
CA ASP A 171 -41.25 -13.72 3.40
C ASP A 171 -41.08 -12.31 3.95
N ASP A 172 -39.86 -12.01 4.39
CA ASP A 172 -39.55 -10.70 4.93
C ASP A 172 -38.09 -10.33 4.73
N PRO A 173 -37.78 -9.67 3.62
CA PRO A 173 -36.44 -9.20 3.23
C PRO A 173 -35.65 -8.53 4.35
N HIS A 174 -36.23 -7.57 5.05
CA HIS A 174 -35.50 -6.83 6.07
C HIS A 174 -35.16 -7.69 7.30
N LEU A 175 -35.68 -8.91 7.32
CA LEU A 175 -35.41 -9.83 8.41
C LEU A 175 -34.15 -10.63 8.19
N SER A 176 -33.61 -10.52 6.99
CA SER A 176 -32.44 -11.30 6.60
C SER A 176 -31.30 -11.06 7.59
N GLU A 177 -30.71 -12.15 8.08
CA GLU A 177 -29.60 -12.07 9.02
C GLU A 177 -28.29 -12.34 8.31
N ILE A 178 -27.58 -11.30 7.91
CA ILE A 178 -26.46 -11.46 6.98
C ILE A 178 -25.06 -11.18 7.54
N GLY A 179 -24.99 -10.58 8.72
CA GLY A 179 -23.72 -10.46 9.43
C GLY A 179 -22.91 -11.75 9.53
N PRO A 180 -23.53 -12.84 10.01
CA PRO A 180 -22.88 -14.15 10.08
C PRO A 180 -22.13 -14.53 8.80
N CYS A 181 -22.72 -14.22 7.64
CA CYS A 181 -22.08 -14.50 6.36
C CYS A 181 -20.71 -13.88 6.22
N PHE A 182 -20.65 -12.56 6.34
CA PHE A 182 -19.38 -11.85 6.32
C PHE A 182 -18.45 -12.40 7.38
N LEU A 183 -18.99 -12.77 8.54
CA LEU A 183 -18.12 -13.20 9.63
C LEU A 183 -17.44 -14.56 9.39
N GLU A 184 -18.16 -15.52 8.79
CA GLU A 184 -17.55 -16.83 8.57
C GLU A 184 -16.65 -16.86 7.34
N HIS A 185 -16.83 -15.87 6.45
CA HIS A 185 -15.96 -15.76 5.28
C HIS A 185 -14.94 -14.64 5.45
N GLN A 186 -14.76 -14.17 6.68
CA GLN A 186 -13.93 -13.00 6.93
C GLN A 186 -12.49 -13.24 6.55
N ASP A 187 -12.08 -14.51 6.61
CA ASP A 187 -10.72 -14.86 6.23
C ASP A 187 -10.57 -14.83 4.72
N GLY A 188 -11.59 -15.34 4.01
CA GLY A 188 -11.55 -15.44 2.55
C GLY A 188 -11.13 -14.17 1.84
N PHE A 189 -11.63 -13.04 2.34
CA PHE A 189 -11.37 -11.76 1.71
C PHE A 189 -9.90 -11.39 1.59
N TRP A 190 -9.04 -12.05 2.36
CA TRP A 190 -7.61 -11.72 2.29
C TRP A 190 -7.05 -12.06 0.90
N ILE A 191 -7.76 -12.89 0.13
CA ILE A 191 -7.28 -13.18 -1.22
C ILE A 191 -7.36 -11.96 -2.14
N TYR A 192 -8.03 -10.92 -1.67
CA TYR A 192 -8.06 -9.67 -2.41
C TYR A 192 -6.72 -8.95 -2.28
N SER A 193 -6.03 -9.16 -1.15
CA SER A 193 -4.73 -8.52 -0.89
C SER A 193 -3.87 -8.67 -2.13
N GLU A 194 -3.59 -9.92 -2.48
CA GLU A 194 -2.81 -10.27 -3.65
C GLU A 194 -3.27 -9.51 -4.89
N TYR A 195 -4.57 -9.54 -5.14
CA TYR A 195 -5.12 -8.90 -6.32
C TYR A 195 -4.87 -7.40 -6.30
N CYS A 196 -4.99 -6.80 -5.12
CA CYS A 196 -4.83 -5.36 -5.00
C CYS A 196 -3.36 -4.98 -5.11
N ASN A 197 -2.49 -5.97 -5.01
CA ASN A 197 -1.05 -5.74 -5.06
C ASN A 197 -0.60 -5.62 -6.50
N ASN A 198 -1.04 -6.57 -7.31
CA ASN A 198 -0.58 -6.69 -8.70
C ASN A 198 -1.53 -6.02 -9.67
N HIS A 199 -2.18 -4.95 -9.23
CA HIS A 199 -3.14 -4.28 -10.08
C HIS A 199 -2.50 -3.26 -11.02
N LEU A 200 -1.61 -2.44 -10.47
CA LEU A 200 -0.97 -1.40 -11.25
C LEU A 200 -0.11 -2.00 -12.36
N ASP A 201 0.51 -3.14 -12.05
CA ASP A 201 1.29 -3.88 -13.03
C ASP A 201 0.41 -4.33 -14.19
N ALA A 202 -0.83 -4.72 -13.84
CA ALA A 202 -1.81 -5.12 -14.83
C ALA A 202 -2.21 -3.93 -15.71
N CYS A 203 -2.35 -2.77 -15.09
CA CYS A 203 -2.62 -1.55 -15.85
C CYS A 203 -1.46 -1.22 -16.79
N MET A 204 -0.23 -1.48 -16.34
CA MET A 204 0.96 -1.27 -17.15
C MET A 204 0.97 -2.15 -18.39
N GLU A 205 0.87 -3.46 -18.19
CA GLU A 205 0.90 -4.39 -19.31
C GLU A 205 -0.30 -4.18 -20.24
N LEU A 206 -1.43 -3.78 -19.66
CA LEU A 206 -2.61 -3.49 -20.47
C LEU A 206 -2.42 -2.28 -21.36
N SER A 207 -1.86 -1.21 -20.80
CA SER A 207 -1.55 -0.03 -21.57
C SER A 207 -0.52 -0.34 -22.65
N LYS A 208 0.40 -1.25 -22.31
CA LYS A 208 1.43 -1.66 -23.25
C LYS A 208 0.84 -2.45 -24.42
N LEU A 209 -0.16 -3.27 -24.13
CA LEU A 209 -0.79 -4.11 -25.16
C LEU A 209 -1.95 -3.41 -25.85
N MET A 210 -2.28 -2.20 -25.40
CA MET A 210 -3.33 -1.42 -26.04
C MET A 210 -2.77 -0.56 -27.17
N LYS A 211 -1.52 -0.84 -27.53
CA LYS A 211 -0.84 -0.11 -28.59
C LYS A 211 -0.85 -0.92 -29.88
N ASP A 212 -1.23 -2.19 -29.76
CA ASP A 212 -1.30 -3.09 -30.92
C ASP A 212 -2.76 -3.33 -31.30
N SER A 213 -3.08 -3.05 -32.57
CA SER A 213 -4.44 -3.15 -33.07
C SER A 213 -4.98 -4.57 -32.99
N ARG A 214 -4.07 -5.55 -33.03
CA ARG A 214 -4.44 -6.95 -32.86
C ARG A 214 -5.17 -7.13 -31.55
N TYR A 215 -4.48 -6.81 -30.45
CA TYR A 215 -5.03 -6.95 -29.12
C TYR A 215 -6.28 -6.10 -28.92
N GLN A 216 -6.31 -4.94 -29.57
CA GLN A 216 -7.48 -4.06 -29.52
C GLN A 216 -8.72 -4.75 -30.09
N HIS A 217 -8.61 -5.22 -31.32
CA HIS A 217 -9.71 -5.87 -32.00
C HIS A 217 -10.13 -7.14 -31.27
N PHE A 218 -9.14 -7.85 -30.73
CA PHE A 218 -9.38 -9.08 -29.99
C PHE A 218 -10.24 -8.79 -28.77
N PHE A 219 -9.78 -7.86 -27.93
CA PHE A 219 -10.49 -7.49 -26.72
C PHE A 219 -11.89 -6.98 -27.04
N GLU A 220 -11.99 -6.15 -28.08
CA GLU A 220 -13.28 -5.63 -28.52
C GLU A 220 -14.24 -6.77 -28.84
N ALA A 221 -13.75 -7.73 -29.61
CA ALA A 221 -14.55 -8.90 -29.94
C ALA A 221 -15.01 -9.63 -28.68
N CYS A 222 -14.06 -9.96 -27.82
CA CYS A 222 -14.36 -10.66 -26.58
C CYS A 222 -15.46 -9.98 -25.77
N ARG A 223 -15.35 -8.66 -25.64
CA ARG A 223 -16.35 -7.88 -24.93
C ARG A 223 -17.69 -7.87 -25.66
N LEU A 224 -17.63 -8.06 -26.99
CA LEU A 224 -18.83 -8.13 -27.82
C LEU A 224 -19.56 -9.46 -27.71
N LEU A 225 -18.82 -10.52 -27.37
CA LEU A 225 -19.42 -11.84 -27.27
C LEU A 225 -20.15 -12.05 -25.93
N GLN A 226 -19.55 -11.57 -24.85
CA GLN A 226 -20.06 -11.82 -23.52
C GLN A 226 -21.17 -10.84 -23.12
N GLN A 227 -21.48 -9.93 -24.03
CA GLN A 227 -22.54 -8.95 -23.83
C GLN A 227 -22.29 -8.11 -22.58
N MET A 228 -21.12 -7.49 -22.51
CA MET A 228 -20.81 -6.59 -21.42
C MET A 228 -21.05 -5.17 -21.89
N ILE A 229 -20.97 -4.22 -20.96
CA ILE A 229 -21.09 -2.82 -21.32
C ILE A 229 -19.81 -2.34 -22.00
N ASP A 230 -19.89 -1.20 -22.67
CA ASP A 230 -18.74 -0.68 -23.42
C ASP A 230 -17.66 -0.12 -22.50
N ILE A 231 -17.18 -0.95 -21.58
CA ILE A 231 -16.06 -0.61 -20.73
C ILE A 231 -14.88 -1.49 -21.09
N ALA A 232 -13.73 -0.87 -21.32
CA ALA A 232 -12.53 -1.61 -21.66
C ALA A 232 -12.16 -2.58 -20.55
N ILE A 233 -11.30 -3.55 -20.89
CA ILE A 233 -10.91 -4.58 -19.95
C ILE A 233 -10.24 -4.02 -18.69
N ASP A 234 -9.51 -2.91 -18.85
CA ASP A 234 -8.80 -2.31 -17.73
C ASP A 234 -9.80 -1.85 -16.69
N GLY A 235 -10.96 -1.41 -17.16
CA GLY A 235 -12.05 -1.00 -16.29
C GLY A 235 -12.63 -2.17 -15.54
N PHE A 236 -13.00 -3.22 -16.27
CA PHE A 236 -13.53 -4.43 -15.66
C PHE A 236 -12.55 -5.07 -14.67
N LEU A 237 -11.25 -4.82 -14.85
CA LEU A 237 -10.24 -5.39 -13.98
C LEU A 237 -10.09 -4.61 -12.66
N LEU A 238 -10.91 -3.58 -12.50
CA LEU A 238 -10.82 -2.72 -11.33
C LEU A 238 -11.93 -3.06 -10.35
N THR A 239 -12.96 -3.71 -10.86
CA THR A 239 -14.14 -4.06 -10.08
C THR A 239 -13.90 -4.75 -8.72
N PRO A 240 -12.92 -5.67 -8.62
CA PRO A 240 -12.76 -6.26 -7.29
C PRO A 240 -12.07 -5.33 -6.31
N VAL A 241 -11.26 -4.41 -6.81
CA VAL A 241 -10.65 -3.41 -5.93
C VAL A 241 -11.75 -2.48 -5.43
N GLN A 242 -12.67 -2.13 -6.33
CA GLN A 242 -13.83 -1.34 -5.97
C GLN A 242 -14.68 -2.06 -4.93
N LYS A 243 -15.01 -3.33 -5.21
CA LYS A 243 -15.91 -4.09 -4.36
C LYS A 243 -15.40 -4.30 -2.92
N ILE A 244 -14.10 -4.49 -2.76
CA ILE A 244 -13.55 -4.68 -1.42
C ILE A 244 -13.55 -3.35 -0.66
N CYS A 245 -13.55 -2.25 -1.41
CA CYS A 245 -13.62 -0.93 -0.81
C CYS A 245 -15.06 -0.55 -0.49
N LYS A 246 -16.00 -1.03 -1.30
CA LYS A 246 -17.41 -0.70 -1.11
C LYS A 246 -18.03 -1.37 0.12
N TYR A 247 -17.50 -2.52 0.52
CA TYR A 247 -18.12 -3.31 1.60
C TYR A 247 -18.42 -2.56 2.91
N PRO A 248 -17.42 -1.86 3.49
CA PRO A 248 -17.74 -1.17 4.75
C PRO A 248 -18.75 -0.05 4.57
N LEU A 249 -18.79 0.56 3.38
CA LEU A 249 -19.81 1.55 3.08
C LEU A 249 -21.20 0.94 3.14
N GLN A 250 -21.33 -0.26 2.59
CA GLN A 250 -22.62 -0.93 2.55
C GLN A 250 -23.02 -1.50 3.91
N LEU A 251 -22.02 -1.82 4.75
CA LEU A 251 -22.29 -2.35 6.09
C LEU A 251 -22.73 -1.25 7.05
N ALA A 252 -22.12 -0.08 6.90
CA ALA A 252 -22.48 1.07 7.69
C ALA A 252 -23.96 1.42 7.48
N GLU A 253 -24.35 1.45 6.21
CA GLU A 253 -25.72 1.76 5.82
C GLU A 253 -26.69 0.74 6.40
N LEU A 254 -26.32 -0.54 6.34
CA LEU A 254 -27.16 -1.59 6.87
C LEU A 254 -27.32 -1.46 8.39
N LEU A 255 -26.24 -1.08 9.06
CA LEU A 255 -26.29 -0.93 10.50
C LEU A 255 -27.25 0.19 10.90
N LYS A 256 -27.20 1.29 10.17
CA LYS A 256 -28.05 2.46 10.42
C LYS A 256 -29.52 2.07 10.56
N TYR A 257 -29.98 1.19 9.68
CA TYR A 257 -31.37 0.78 9.69
C TYR A 257 -31.54 -0.58 10.32
N THR A 258 -30.74 -0.85 11.36
CA THR A 258 -30.87 -2.08 12.12
C THR A 258 -31.21 -1.75 13.56
N ALA A 259 -32.28 -2.35 14.06
CA ALA A 259 -32.71 -2.09 15.44
C ALA A 259 -31.79 -2.78 16.44
N GLN A 260 -31.60 -2.13 17.58
CA GLN A 260 -30.75 -2.67 18.64
C GLN A 260 -31.21 -4.06 19.14
N ASP A 261 -32.46 -4.42 18.90
CA ASP A 261 -32.97 -5.71 19.36
C ASP A 261 -32.96 -6.75 18.27
N HIS A 262 -32.63 -6.33 17.05
CA HIS A 262 -32.54 -7.25 15.92
C HIS A 262 -31.49 -8.32 16.20
N SER A 263 -31.84 -9.57 15.92
CA SER A 263 -30.94 -10.70 16.11
C SER A 263 -29.68 -10.57 15.26
N ASP A 264 -29.70 -9.64 14.33
CA ASP A 264 -28.63 -9.46 13.38
C ASP A 264 -27.77 -8.26 13.77
N TYR A 265 -28.17 -7.55 14.82
CA TYR A 265 -27.48 -6.31 15.17
C TYR A 265 -25.99 -6.48 15.45
N ARG A 266 -25.67 -7.32 16.42
CA ARG A 266 -24.28 -7.49 16.84
C ARG A 266 -23.43 -8.07 15.73
N TYR A 267 -24.02 -8.93 14.92
CA TYR A 267 -23.27 -9.54 13.83
C TYR A 267 -22.94 -8.50 12.78
N VAL A 268 -23.93 -7.71 12.36
CA VAL A 268 -23.68 -6.63 11.39
C VAL A 268 -22.61 -5.66 11.91
N ALA A 269 -22.70 -5.30 13.18
CA ALA A 269 -21.68 -4.44 13.78
C ALA A 269 -20.29 -5.05 13.67
N ALA A 270 -20.15 -6.27 14.19
CA ALA A 270 -18.88 -6.98 14.20
C ALA A 270 -18.29 -7.05 12.81
N ALA A 271 -19.13 -7.46 11.86
CA ALA A 271 -18.73 -7.56 10.47
C ALA A 271 -18.26 -6.22 9.92
N LEU A 272 -18.92 -5.12 10.28
CA LEU A 272 -18.44 -3.81 9.85
C LEU A 272 -17.01 -3.57 10.34
N ALA A 273 -16.78 -3.82 11.63
CA ALA A 273 -15.43 -3.69 12.19
C ALA A 273 -14.42 -4.52 11.39
N VAL A 274 -14.80 -5.77 11.14
CA VAL A 274 -13.99 -6.72 10.42
C VAL A 274 -13.58 -6.24 9.02
N MET A 275 -14.56 -5.87 8.21
CA MET A 275 -14.28 -5.40 6.85
C MET A 275 -13.47 -4.13 6.83
N ARG A 276 -13.69 -3.25 7.81
CA ARG A 276 -12.88 -2.04 7.88
C ARG A 276 -11.41 -2.40 8.11
N ASN A 277 -11.22 -3.29 9.09
CA ASN A 277 -9.91 -3.83 9.39
C ASN A 277 -9.24 -4.43 8.16
N VAL A 278 -9.96 -5.30 7.47
CA VAL A 278 -9.47 -5.89 6.24
C VAL A 278 -9.03 -4.83 5.24
N THR A 279 -9.91 -3.89 4.92
CA THR A 279 -9.58 -2.87 3.92
C THR A 279 -8.29 -2.13 4.28
N GLN A 280 -8.17 -1.77 5.56
CA GLN A 280 -6.98 -1.05 5.97
C GLN A 280 -5.72 -1.91 5.95
N GLN A 281 -5.86 -3.19 6.29
CA GLN A 281 -4.72 -4.10 6.24
C GLN A 281 -4.22 -4.27 4.82
N ILE A 282 -5.14 -4.55 3.90
CA ILE A 282 -4.83 -4.58 2.49
C ILE A 282 -4.02 -3.34 2.13
N ASN A 283 -4.66 -2.18 2.27
CA ASN A 283 -3.99 -0.91 2.00
C ASN A 283 -2.56 -0.76 2.57
N GLU A 284 -2.42 -0.80 3.89
CA GLU A 284 -1.12 -0.55 4.51
C GLU A 284 -0.07 -1.57 4.06
N ARG A 285 -0.46 -2.85 4.05
CA ARG A 285 0.45 -3.93 3.64
C ARG A 285 0.93 -3.72 2.19
N LYS A 286 0.00 -3.71 1.24
CA LYS A 286 0.38 -3.59 -0.16
C LYS A 286 1.17 -2.30 -0.37
N ARG A 287 0.51 -1.17 -0.19
CA ARG A 287 1.08 0.10 -0.58
C ARG A 287 2.41 0.30 0.12
N ARG A 288 2.37 0.31 1.45
CA ARG A 288 3.50 0.77 2.20
C ARG A 288 4.64 -0.25 2.24
N LEU A 289 4.31 -1.53 2.30
CA LEU A 289 5.38 -2.52 2.30
C LEU A 289 5.94 -2.80 0.89
N GLU A 290 5.30 -2.24 -0.15
CA GLU A 290 5.89 -2.27 -1.48
C GLU A 290 6.71 -0.99 -1.73
N ASN A 291 6.35 0.06 -0.98
CA ASN A 291 7.33 1.09 -0.65
C ASN A 291 8.56 0.43 0.00
N ILE A 292 8.35 -0.52 0.91
CA ILE A 292 9.48 -1.31 1.39
C ILE A 292 10.22 -2.02 0.24
N ASP A 293 9.48 -2.59 -0.70
CA ASP A 293 10.12 -3.20 -1.89
C ASP A 293 11.09 -2.28 -2.62
N LYS A 294 10.64 -1.09 -3.03
CA LYS A 294 11.46 -0.27 -3.92
C LYS A 294 12.83 0.22 -3.39
N ILE A 295 12.96 0.34 -2.07
CA ILE A 295 14.24 0.76 -1.49
C ILE A 295 15.33 -0.28 -1.74
N ALA A 296 14.94 -1.51 -2.02
CA ALA A 296 15.90 -2.55 -2.39
C ALA A 296 16.49 -2.24 -3.75
N GLN A 297 15.62 -1.85 -4.68
CA GLN A 297 16.05 -1.38 -5.99
C GLN A 297 17.06 -0.26 -5.82
N TRP A 298 16.68 0.74 -5.02
CA TRP A 298 17.60 1.85 -4.78
C TRP A 298 18.93 1.40 -4.21
N GLN A 299 18.90 0.47 -3.26
CA GLN A 299 20.12 -0.04 -2.64
C GLN A 299 21.03 -0.68 -3.68
N ALA A 300 20.42 -1.46 -4.57
CA ALA A 300 21.19 -2.13 -5.62
C ALA A 300 21.81 -1.12 -6.58
N SER A 301 21.11 0.01 -6.78
CA SER A 301 21.68 1.07 -7.61
C SER A 301 22.96 1.66 -7.00
N VAL A 302 23.14 1.50 -5.70
CA VAL A 302 24.31 2.05 -5.01
C VAL A 302 25.54 1.15 -5.15
N LEU A 303 26.70 1.78 -5.29
CA LEU A 303 27.96 1.07 -5.46
C LEU A 303 28.75 1.03 -4.17
N ASP A 304 29.61 0.01 -4.05
CA ASP A 304 30.46 -0.19 -2.89
C ASP A 304 29.68 -0.43 -1.61
N TRP A 305 28.72 -1.35 -1.66
CA TRP A 305 27.89 -1.59 -0.49
C TRP A 305 28.64 -2.31 0.64
N GLU A 306 28.70 -1.67 1.80
CA GLU A 306 29.27 -2.29 3.00
C GLU A 306 28.18 -2.56 4.03
N GLY A 307 28.36 -3.61 4.83
CA GLY A 307 27.43 -3.92 5.91
C GLY A 307 26.24 -4.76 5.48
N ASP A 308 25.37 -5.06 6.45
CA ASP A 308 24.17 -5.85 6.17
C ASP A 308 23.26 -5.11 5.20
N ASP A 309 22.35 -5.85 4.58
CA ASP A 309 21.32 -5.24 3.75
C ASP A 309 20.51 -4.31 4.64
N ILE A 310 20.09 -3.19 4.08
CA ILE A 310 19.34 -2.20 4.82
C ILE A 310 18.01 -2.78 5.35
N LEU A 311 17.38 -3.63 4.55
CA LEU A 311 16.12 -4.26 4.92
C LEU A 311 16.25 -5.28 6.05
N ASP A 312 17.40 -5.29 6.72
CA ASP A 312 17.58 -6.17 7.86
C ASP A 312 17.07 -5.48 9.13
N ARG A 313 17.14 -4.16 9.16
CA ARG A 313 16.71 -3.41 10.34
C ARG A 313 15.69 -2.32 10.01
N SER A 314 15.65 -1.90 8.76
CA SER A 314 14.76 -0.83 8.35
C SER A 314 13.61 -1.33 7.47
N SER A 315 12.69 -0.41 7.17
CA SER A 315 11.52 -0.72 6.37
C SER A 315 10.67 0.52 6.11
N GLU A 316 11.30 1.60 5.64
CA GLU A 316 10.63 2.85 5.25
C GLU A 316 11.64 3.96 5.03
N LEU A 317 11.57 4.61 3.87
CA LEU A 317 12.40 5.79 3.63
C LEU A 317 11.69 7.02 4.18
N ILE A 318 12.28 7.61 5.21
CA ILE A 318 11.73 8.81 5.83
C ILE A 318 12.06 10.05 5.01
N TYR A 319 13.31 10.46 5.01
CA TYR A 319 13.72 11.64 4.26
C TYR A 319 15.08 11.48 3.61
N THR A 320 15.36 12.32 2.61
CA THR A 320 16.65 12.31 1.93
C THR A 320 16.97 13.68 1.34
N GLY A 321 18.20 14.11 1.54
CA GLY A 321 18.63 15.40 1.05
C GLY A 321 20.14 15.56 1.12
N GLU A 322 20.62 16.61 0.45
CA GLU A 322 22.05 16.89 0.41
C GLU A 322 22.41 17.89 1.49
N MET A 323 23.38 17.55 2.33
CA MET A 323 23.83 18.42 3.41
C MET A 323 25.34 18.35 3.60
N ALA A 324 25.92 19.41 4.14
CA ALA A 324 27.34 19.41 4.51
C ALA A 324 27.47 18.81 5.91
N TRP A 325 28.58 18.13 6.19
CA TRP A 325 28.74 17.49 7.50
C TRP A 325 30.17 17.31 7.97
N ILE A 326 30.33 17.19 9.30
CA ILE A 326 31.63 17.04 9.92
C ILE A 326 31.61 15.91 10.94
N TYR A 327 32.33 14.84 10.64
CA TYR A 327 32.31 13.60 11.41
C TYR A 327 32.76 13.80 12.86
N GLN A 328 33.88 14.50 13.05
CA GLN A 328 34.44 14.68 14.38
C GLN A 328 34.98 16.10 14.49
N PRO A 329 35.19 16.60 15.73
CA PRO A 329 35.82 17.90 15.91
C PRO A 329 37.12 17.99 15.11
N TYR A 330 37.38 19.16 14.54
CA TYR A 330 38.56 19.40 13.70
C TYR A 330 38.52 18.61 12.38
N GLY A 331 37.40 17.95 12.12
CA GLY A 331 37.25 17.16 10.92
C GLY A 331 37.10 18.03 9.68
N ARG A 332 37.24 17.41 8.50
CA ARG A 332 37.09 18.14 7.24
C ARG A 332 35.64 18.12 6.77
N ASN A 333 35.22 19.23 6.18
CA ASN A 333 33.84 19.37 5.69
C ASN A 333 33.61 18.58 4.41
N GLN A 334 32.58 17.74 4.41
CA GLN A 334 32.29 16.89 3.26
C GLN A 334 30.85 17.08 2.77
N GLN A 335 30.69 17.10 1.45
CA GLN A 335 29.37 17.21 0.83
C GLN A 335 28.82 15.83 0.53
N ARG A 336 27.85 15.39 1.33
CA ARG A 336 27.29 14.06 1.11
C ARG A 336 25.78 14.10 0.86
N VAL A 337 25.22 12.94 0.53
CA VAL A 337 23.79 12.82 0.32
C VAL A 337 23.22 11.80 1.29
N PHE A 338 22.30 12.24 2.14
CA PHE A 338 21.84 11.41 3.24
C PHE A 338 20.48 10.78 3.00
N PHE A 339 20.38 9.51 3.38
CA PHE A 339 19.16 8.73 3.26
C PHE A 339 18.77 8.18 4.64
N LEU A 340 17.69 8.74 5.20
CA LEU A 340 17.23 8.37 6.54
C LEU A 340 16.15 7.30 6.52
N PHE A 341 16.41 6.21 7.22
CA PHE A 341 15.44 5.13 7.36
C PHE A 341 15.19 4.89 8.85
N ASP A 342 14.19 4.07 9.17
CA ASP A 342 13.95 3.72 10.56
C ASP A 342 15.14 2.91 11.10
N HIS A 343 15.68 3.39 12.23
CA HIS A 343 16.87 2.82 12.91
C HIS A 343 18.23 3.27 12.36
N GLN A 344 18.33 3.49 11.05
CA GLN A 344 19.63 3.82 10.46
C GLN A 344 19.59 4.90 9.36
N MET A 345 20.67 5.66 9.24
CA MET A 345 20.80 6.67 8.20
C MET A 345 22.07 6.48 7.38
N VAL A 346 21.89 6.02 6.14
CA VAL A 346 23.01 5.78 5.23
C VAL A 346 23.42 7.08 4.55
N LEU A 347 24.70 7.26 4.26
CA LEU A 347 25.13 8.43 3.50
C LEU A 347 26.00 8.03 2.30
N CYS A 348 25.74 8.68 1.17
CA CYS A 348 26.42 8.36 -0.08
C CYS A 348 27.17 9.56 -0.61
N LYS A 349 28.10 9.31 -1.55
CA LYS A 349 28.75 10.38 -2.30
C LYS A 349 28.38 10.33 -3.77
N LYS A 350 28.04 11.50 -4.30
CA LYS A 350 27.71 11.64 -5.71
C LYS A 350 29.00 11.65 -6.49
N ASP A 351 29.03 10.89 -7.59
CA ASP A 351 30.16 10.90 -8.49
C ASP A 351 30.38 12.33 -8.98
N LEU A 352 31.63 12.68 -9.23
CA LEU A 352 32.00 14.05 -9.54
C LEU A 352 31.63 14.44 -10.96
N ILE A 353 31.35 13.44 -11.79
CA ILE A 353 31.05 13.68 -13.20
C ILE A 353 29.70 13.10 -13.60
N ARG A 354 29.51 11.81 -13.34
CA ARG A 354 28.24 11.17 -13.60
C ARG A 354 27.37 11.35 -12.37
N ARG A 355 26.58 12.42 -12.35
CA ARG A 355 25.88 12.84 -11.15
C ARG A 355 24.90 11.78 -10.65
N ASP A 356 24.42 10.95 -11.56
CA ASP A 356 23.43 9.93 -11.20
C ASP A 356 24.05 8.67 -10.63
N ILE A 357 25.21 8.81 -9.99
CA ILE A 357 25.93 7.66 -9.46
C ILE A 357 26.29 7.85 -7.98
N LEU A 358 25.99 6.84 -7.18
CA LEU A 358 26.20 6.92 -5.74
C LEU A 358 27.20 5.90 -5.24
N TYR A 359 28.14 6.35 -4.43
CA TYR A 359 29.05 5.42 -3.76
C TYR A 359 28.73 5.43 -2.28
N TYR A 360 28.45 4.25 -1.73
CA TYR A 360 28.17 4.09 -0.31
C TYR A 360 29.32 4.62 0.52
N LYS A 361 29.01 5.44 1.52
CA LYS A 361 30.07 6.02 2.34
C LYS A 361 29.89 5.76 3.84
N GLY A 362 28.86 5.01 4.19
CA GLY A 362 28.63 4.67 5.59
C GLY A 362 27.21 4.92 6.08
N ARG A 363 26.93 4.46 7.29
CA ARG A 363 25.61 4.58 7.90
C ARG A 363 25.71 4.90 9.39
N ILE A 364 24.62 5.40 9.97
CA ILE A 364 24.57 5.73 11.40
C ILE A 364 23.42 4.98 12.07
N ASP A 365 23.66 4.42 13.24
CA ASP A 365 22.60 3.79 14.01
C ASP A 365 21.85 4.82 14.86
N MET A 366 20.67 5.20 14.40
CA MET A 366 19.88 6.26 15.04
C MET A 366 19.35 5.88 16.42
N ASP A 367 19.34 4.58 16.72
CA ASP A 367 18.87 4.11 18.02
C ASP A 367 19.85 4.52 19.12
N LYS A 368 21.04 4.94 18.71
CA LYS A 368 22.10 5.32 19.63
C LYS A 368 22.45 6.80 19.53
N TYR A 369 21.62 7.58 18.84
CA TYR A 369 21.91 9.00 18.66
C TYR A 369 20.72 9.92 18.94
N GLU A 370 21.02 11.03 19.60
CA GLU A 370 20.04 12.05 19.90
C GLU A 370 20.29 13.28 19.03
N VAL A 371 19.22 14.03 18.75
CA VAL A 371 19.31 15.21 17.92
C VAL A 371 19.36 16.50 18.74
N ILE A 372 20.49 17.18 18.68
CA ILE A 372 20.65 18.46 19.36
C ILE A 372 20.52 19.60 18.37
N ASP A 373 19.45 20.39 18.52
CA ASP A 373 19.24 21.55 17.67
C ASP A 373 20.19 22.67 18.06
N ILE A 374 21.09 23.02 17.15
CA ILE A 374 22.05 24.08 17.39
C ILE A 374 21.54 25.42 16.86
N GLU A 375 21.66 26.45 17.67
CA GLU A 375 21.24 27.79 17.27
C GLU A 375 22.33 28.46 16.45
N ASP A 376 22.01 29.64 15.92
CA ASP A 376 22.97 30.36 15.09
C ASP A 376 24.07 31.01 15.91
N GLY A 377 25.20 31.29 15.26
CA GLY A 377 26.29 31.99 15.91
C GLY A 377 27.64 31.31 15.82
N ARG A 378 28.08 30.71 16.92
CA ARG A 378 29.43 30.21 17.05
C ARG A 378 29.49 28.96 17.94
N ASP A 379 30.18 27.93 17.46
CA ASP A 379 30.25 26.64 18.15
C ASP A 379 31.48 26.50 19.03
N ASP A 380 31.41 25.59 20.00
CA ASP A 380 32.55 25.26 20.83
C ASP A 380 33.27 24.05 20.26
N ASP A 381 34.56 23.95 20.55
CA ASP A 381 35.47 22.98 19.93
C ASP A 381 34.96 21.52 19.87
N PHE A 382 34.63 20.97 18.69
CA PHE A 382 34.54 21.56 17.33
C PHE A 382 35.27 22.85 16.89
N ASN A 383 34.63 24.00 17.13
CA ASN A 383 35.19 25.35 16.94
C ASN A 383 35.06 25.92 15.52
N VAL A 384 33.81 26.23 15.13
CA VAL A 384 33.53 26.86 13.84
C VAL A 384 32.37 27.86 13.94
N SER A 385 32.00 28.47 12.81
CA SER A 385 30.87 29.39 12.74
C SER A 385 29.67 28.68 12.09
N MET A 386 28.45 29.07 12.48
CA MET A 386 27.28 28.31 12.08
C MET A 386 26.10 29.13 11.56
N LYS A 387 25.39 28.53 10.59
CA LYS A 387 24.11 29.02 10.09
C LYS A 387 23.32 27.81 9.59
N ASN A 388 22.05 27.71 10.00
CA ASN A 388 21.20 26.57 9.66
C ASN A 388 21.80 25.23 10.07
N ALA A 389 22.25 25.12 11.31
CA ALA A 389 23.02 23.94 11.71
C ALA A 389 22.43 23.17 12.89
N PHE A 390 22.76 21.88 12.96
CA PHE A 390 22.40 21.05 14.11
C PHE A 390 23.44 19.96 14.35
N LYS A 391 23.19 19.10 15.32
CA LYS A 391 24.22 18.19 15.80
C LYS A 391 23.63 16.83 16.21
N LEU A 392 24.43 15.78 16.12
CA LEU A 392 24.02 14.46 16.62
C LEU A 392 24.96 13.92 17.69
N HIS A 393 24.39 13.59 18.85
CA HIS A 393 25.19 13.19 20.00
C HIS A 393 24.91 11.76 20.42
N ASN A 394 25.97 10.99 20.67
CA ASN A 394 25.81 9.63 21.16
C ASN A 394 25.32 9.62 22.60
N LYS A 395 24.44 8.68 22.93
CA LYS A 395 23.85 8.62 24.27
C LYS A 395 24.82 8.07 25.31
N GLU A 396 25.55 7.02 24.96
CA GLU A 396 26.48 6.38 25.88
C GLU A 396 27.90 6.91 25.68
N THR A 397 28.21 7.28 24.45
CA THR A 397 29.54 7.78 24.10
C THR A 397 29.53 9.31 24.04
N GLU A 398 30.73 9.90 24.04
CA GLU A 398 30.86 11.34 23.85
C GLU A 398 31.02 11.64 22.37
N GLU A 399 30.63 10.67 21.55
CA GLU A 399 30.71 10.79 20.10
C GLU A 399 29.76 11.89 19.63
N VAL A 400 30.20 12.66 18.64
CA VAL A 400 29.47 13.85 18.22
C VAL A 400 29.69 14.19 16.74
N HIS A 401 28.62 14.54 16.04
CA HIS A 401 28.73 14.88 14.62
C HIS A 401 27.99 16.18 14.29
N LEU A 402 28.51 16.93 13.32
CA LEU A 402 27.95 18.24 12.97
C LEU A 402 27.29 18.26 11.59
N PHE A 403 26.16 18.94 11.49
CA PHE A 403 25.38 18.99 10.24
C PHE A 403 24.94 20.40 9.85
N PHE A 404 25.11 20.72 8.57
CA PHE A 404 24.66 21.98 8.00
C PHE A 404 23.79 21.75 6.78
N ALA A 405 22.58 22.31 6.80
CA ALA A 405 21.76 22.35 5.60
C ALA A 405 22.14 23.60 4.82
N LYS A 406 21.40 23.88 3.76
CA LYS A 406 21.62 25.11 3.01
C LYS A 406 20.55 26.14 3.36
N LYS A 407 19.28 25.72 3.30
CA LYS A 407 18.17 26.57 3.66
C LYS A 407 17.66 26.28 5.07
N LEU A 408 16.74 27.12 5.55
CA LEU A 408 16.12 26.89 6.85
C LEU A 408 15.01 25.85 6.72
N GLU A 409 14.33 25.89 5.57
CA GLU A 409 13.30 24.90 5.25
C GLU A 409 13.82 23.49 5.38
N GLU A 410 15.10 23.33 5.06
CA GLU A 410 15.73 22.02 5.11
C GLU A 410 16.11 21.65 6.54
N LYS A 411 16.47 22.65 7.35
CA LYS A 411 16.75 22.40 8.75
C LYS A 411 15.48 21.90 9.41
N ILE A 412 14.37 22.53 9.07
CA ILE A 412 13.07 22.16 9.62
C ILE A 412 12.60 20.80 9.10
N ARG A 413 12.73 20.59 7.81
CA ARG A 413 12.36 19.32 7.18
C ARG A 413 13.13 18.18 7.81
N TRP A 414 14.41 18.42 8.07
CA TRP A 414 15.28 17.40 8.64
C TRP A 414 14.97 17.10 10.09
N LEU A 415 14.83 18.15 10.89
CA LEU A 415 14.43 17.96 12.29
C LEU A 415 13.12 17.19 12.38
N ARG A 416 12.16 17.60 11.54
CA ARG A 416 10.87 16.92 11.49
C ARG A 416 11.05 15.46 11.07
N ALA A 417 12.06 15.21 10.25
CA ALA A 417 12.34 13.86 9.78
C ALA A 417 12.91 12.98 10.88
N PHE A 418 13.69 13.58 11.78
CA PHE A 418 14.22 12.84 12.91
C PHE A 418 13.14 12.57 13.96
N ARG A 419 12.34 13.58 14.26
CA ARG A 419 11.22 13.39 15.16
C ARG A 419 10.38 12.26 14.57
N GLU A 420 10.12 12.36 13.27
CA GLU A 420 9.35 11.35 12.55
C GLU A 420 9.93 9.97 12.76
N GLU A 421 11.25 9.87 12.66
CA GLU A 421 11.92 8.58 12.78
C GLU A 421 11.76 7.99 14.17
N ARG A 422 11.88 8.83 15.19
CA ARG A 422 11.74 8.36 16.56
C ARG A 422 10.30 7.90 16.83
N LYS A 423 9.34 8.68 16.35
CA LYS A 423 7.93 8.31 16.46
C LYS A 423 7.67 6.98 15.79
N MET A 424 8.29 6.78 14.63
CA MET A 424 8.11 5.54 13.88
C MET A 424 8.72 4.34 14.60
N VAL A 425 9.88 4.54 15.22
CA VAL A 425 10.52 3.48 15.98
C VAL A 425 9.66 3.08 17.17
N GLN A 426 9.24 4.08 17.93
CA GLN A 426 8.37 3.86 19.08
C GLN A 426 7.10 3.11 18.68
N GLU A 427 6.43 3.61 17.64
CA GLU A 427 5.19 3.02 17.16
C GLU A 427 5.36 1.60 16.63
N ASP A 428 6.47 1.33 15.95
CA ASP A 428 6.73 0.01 15.40
C ASP A 428 7.05 -1.00 16.50
N GLU A 429 7.84 -0.59 17.48
CA GLU A 429 8.16 -1.46 18.60
C GLU A 429 6.95 -1.68 19.51
N LYS A 430 6.07 -0.70 19.57
CA LYS A 430 4.84 -0.79 20.35
C LYS A 430 3.82 -1.69 19.69
N ILE A 431 3.72 -1.59 18.36
CA ILE A 431 2.77 -2.41 17.61
C ILE A 431 3.37 -3.76 17.21
N GLY A 432 4.70 -3.83 17.13
CA GLY A 432 5.38 -5.05 16.79
C GLY A 432 5.34 -5.32 15.29
#